data_9EYL
#
_entry.id   9EYL
#
_cell.length_a   61.011
_cell.length_b   61.011
_cell.length_c   91.825
_cell.angle_alpha   90.00
_cell.angle_beta   90.00
_cell.angle_gamma   120.00
#
_symmetry.space_group_name_H-M   'P 32 2 1'
#
loop_
_entity.id
_entity.type
_entity.pdbx_description
1 polymer dN53_Fav
2 non-polymer 'SULFATE ION'
3 non-polymer TRIS-HYDROXYMETHYL-METHYL-AMMONIUM
4 water water
#
_entity_poly.entity_id   1
_entity_poly.type   'polypeptide(L)'
_entity_poly.pdbx_seq_one_letter_code
;GHMHNAEAIPQEPMDLENLDSEKRAARIAAGTIIAGAELTIGLLQNLLDVLANVNRKCAVGVDNESGFRWQEGSTYFFSG
TADENLPYSVSDGYAVLYGPRKTNGPVATGVVGVLAYYIPSIGKTLAVMWSVPFDYNFYQNWWNAKLYSGNQDADYDHYV
DLYYDANPFKANGWHERSLGSGLKFCGSMSSSGQATLEIHVLKESETCM
;
_entity_poly.pdbx_strand_id   A
#
# COMPACT_ATOMS: atom_id res chain seq x y z
N ALA A 26 -3.77 18.72 11.79
CA ALA A 26 -2.73 19.14 10.85
C ALA A 26 -3.04 18.66 9.42
N ARG A 27 -2.19 19.02 8.48
CA ARG A 27 -2.35 18.57 7.09
C ARG A 27 -1.92 17.08 6.98
N ILE A 28 -1.49 16.49 8.08
CA ILE A 28 -1.18 15.03 8.11
C ILE A 28 -2.35 14.27 8.57
N ALA A 29 -2.87 13.50 7.64
CA ALA A 29 -4.01 12.79 7.98
C ALA A 29 -4.18 11.58 7.09
N ALA A 30 -4.56 10.49 7.73
CA ALA A 30 -4.76 9.29 6.97
C ALA A 30 -6.04 9.41 6.17
N GLY A 31 -6.14 8.65 5.10
CA GLY A 31 -7.32 8.67 4.28
C GLY A 31 -7.47 9.96 3.51
N THR A 32 -6.36 10.56 3.09
CA THR A 32 -6.36 11.78 2.29
C THR A 32 -5.39 11.64 1.15
N ILE A 33 -5.43 12.64 0.27
CA ILE A 33 -4.60 12.76 -0.92
C ILE A 33 -3.71 13.98 -0.73
N ILE A 34 -2.43 13.85 -1.12
CA ILE A 34 -1.48 14.96 -1.06
C ILE A 34 -0.74 15.01 -2.39
N ALA A 35 -0.08 16.15 -2.67
CA ALA A 35 0.78 16.20 -3.84
C ALA A 35 1.84 15.12 -3.75
N GLY A 36 2.04 14.41 -4.85
CA GLY A 36 2.92 13.25 -4.84
C GLY A 36 4.32 13.58 -4.39
N ALA A 37 4.81 14.78 -4.71
CA ALA A 37 6.16 15.19 -4.36
C ALA A 37 6.37 15.27 -2.85
N GLU A 38 5.30 15.26 -2.06
CA GLU A 38 5.43 15.34 -0.63
C GLU A 38 5.75 14.00 0.03
N LEU A 39 5.53 12.89 -0.67
CA LEU A 39 5.62 11.58 -0.01
C LEU A 39 7.08 11.17 0.28
N THR A 40 7.38 10.93 1.56
CA THR A 40 8.67 10.44 2.03
C THR A 40 8.44 9.56 3.27
N ILE A 41 9.51 8.87 3.70
CA ILE A 41 9.39 8.01 4.88
C ILE A 41 9.12 8.84 6.14
N GLY A 42 9.74 10.01 6.24
CA GLY A 42 9.50 10.86 7.41
C GLY A 42 8.06 11.34 7.49
N LEU A 43 7.46 11.66 6.34
CA LEU A 43 6.03 11.97 6.33
C LEU A 43 5.21 10.77 6.82
N LEU A 44 5.54 9.56 6.36
CA LEU A 44 4.79 8.39 6.80
C LEU A 44 5.00 8.09 8.28
N GLN A 45 6.18 8.41 8.81
CA GLN A 45 6.40 8.24 10.25
C GLN A 45 5.53 9.21 11.06
N ASN A 46 5.34 10.41 10.57
CA ASN A 46 4.42 11.30 11.22
C ASN A 46 2.99 10.74 11.20
N LEU A 47 2.63 10.13 10.08
CA LEU A 47 1.31 9.56 9.95
C LEU A 47 1.16 8.46 10.97
N LEU A 48 2.19 7.62 11.10
CA LEU A 48 2.12 6.58 12.12
C LEU A 48 1.77 7.13 13.49
N ASP A 49 2.31 8.29 13.83
CA ASP A 49 2.10 8.86 15.15
C ASP A 49 0.68 9.37 15.36
N VAL A 50 -0.07 9.66 14.31
CA VAL A 50 -1.46 10.09 14.49
C VAL A 50 -2.45 8.95 14.39
N LEU A 51 -2.01 7.76 13.95
CA LEU A 51 -2.90 6.61 13.98
C LEU A 51 -3.10 6.13 15.41
N ALA A 52 -4.17 5.35 15.61
CA ALA A 52 -4.46 4.80 16.93
C ALA A 52 -3.23 4.15 17.53
N ASN A 53 -3.10 4.27 18.86
CA ASN A 53 -1.92 3.77 19.57
C ASN A 53 -2.04 2.26 19.84
N VAL A 54 -2.16 1.49 18.77
CA VAL A 54 -2.09 0.05 18.82
C VAL A 54 -0.73 -0.39 18.33
N ASN A 55 -0.34 -1.64 18.62
CA ASN A 55 1.05 -2.05 18.41
C ASN A 55 1.29 -2.77 17.08
N ARG A 56 0.28 -2.90 16.23
CA ARG A 56 0.46 -3.34 14.84
C ARG A 56 -0.30 -2.37 13.94
N LYS A 57 0.43 -1.64 13.10
CA LYS A 57 -0.20 -0.69 12.20
C LYS A 57 0.81 -0.35 11.11
N CYS A 58 0.30 0.21 10.01
CA CYS A 58 1.15 0.56 8.88
C CYS A 58 0.67 1.87 8.29
N ALA A 59 1.60 2.83 8.16
CA ALA A 59 1.35 4.06 7.44
C ALA A 59 1.72 3.82 5.97
N VAL A 60 0.70 3.76 5.10
CA VAL A 60 0.85 3.44 3.69
C VAL A 60 0.78 4.71 2.87
N GLY A 61 1.73 4.90 1.97
CA GLY A 61 1.64 5.99 1.01
C GLY A 61 1.95 5.46 -0.37
N VAL A 62 1.06 5.71 -1.35
CA VAL A 62 1.23 5.26 -2.73
C VAL A 62 1.19 6.47 -3.63
N ASP A 63 2.30 6.75 -4.33
CA ASP A 63 2.42 7.92 -5.22
C ASP A 63 2.01 7.53 -6.63
N ASN A 64 1.01 8.22 -7.19
CA ASN A 64 0.58 8.02 -8.57
C ASN A 64 1.43 8.91 -9.47
N GLU A 65 2.51 8.35 -10.04
CA GLU A 65 3.25 9.00 -11.13
C GLU A 65 2.96 8.32 -12.46
N SER A 66 1.79 7.69 -12.59
CA SER A 66 1.54 6.80 -13.72
C SER A 66 1.10 7.52 -14.98
N GLY A 67 0.70 8.78 -14.86
CA GLY A 67 0.11 9.48 -15.99
C GLY A 67 -1.37 9.24 -16.17
N PHE A 68 -1.97 8.39 -15.34
CA PHE A 68 -3.37 8.00 -15.47
C PHE A 68 -4.13 8.26 -14.18
N ARG A 69 -5.40 8.65 -14.31
CA ARG A 69 -6.29 8.74 -13.16
C ARG A 69 -6.58 7.37 -12.55
N TRP A 70 -6.57 7.32 -11.22
CA TRP A 70 -7.02 6.15 -10.46
C TRP A 70 -8.34 6.48 -9.75
N GLN A 71 -9.30 5.56 -9.77
CA GLN A 71 -10.59 5.86 -9.18
C GLN A 71 -11.23 4.61 -8.58
N GLU A 72 -12.36 4.81 -7.88
CA GLU A 72 -13.12 3.72 -7.26
C GLU A 72 -12.28 2.91 -6.27
N GLY A 73 -11.49 3.63 -5.45
CA GLY A 73 -10.69 2.96 -4.44
C GLY A 73 -11.49 2.02 -3.58
N SER A 74 -10.95 0.81 -3.37
CA SER A 74 -11.57 -0.19 -2.52
C SER A 74 -10.53 -0.82 -1.61
N THR A 75 -11.00 -1.43 -0.52
CA THR A 75 -10.11 -2.09 0.42
C THR A 75 -10.64 -3.47 0.80
N TYR A 76 -9.71 -4.33 1.19
CA TYR A 76 -10.03 -5.66 1.69
C TYR A 76 -9.14 -5.92 2.91
N PHE A 77 -9.73 -6.36 4.02
CA PHE A 77 -8.93 -6.70 5.20
C PHE A 77 -9.08 -8.17 5.52
N PHE A 78 -7.98 -8.91 5.45
CA PHE A 78 -7.92 -10.25 6.02
C PHE A 78 -7.94 -10.18 7.55
N SER A 79 -7.29 -9.16 8.11
CA SER A 79 -7.33 -8.87 9.53
CA SER A 79 -7.29 -8.87 9.54
C SER A 79 -7.14 -7.38 9.74
N GLY A 80 -7.80 -6.83 10.76
CA GLY A 80 -7.69 -5.42 11.06
C GLY A 80 -8.68 -4.56 10.30
N THR A 81 -8.36 -3.27 10.27
N THR A 81 -8.45 -3.24 10.36
CA THR A 81 -9.31 -2.22 9.90
CA THR A 81 -9.19 -2.29 9.53
C THR A 81 -8.52 -0.93 9.66
C THR A 81 -8.50 -0.93 9.57
N ALA A 82 -9.23 0.14 9.29
CA ALA A 82 -8.68 1.49 9.30
C ALA A 82 -9.79 2.43 9.79
N ASP A 83 -9.38 3.50 10.48
CA ASP A 83 -10.36 4.44 11.00
C ASP A 83 -10.78 5.50 10.01
N GLU A 84 -10.04 5.68 8.93
CA GLU A 84 -10.36 6.64 7.86
C GLU A 84 -10.57 5.88 6.56
N ASN A 85 -11.57 6.27 5.80
CA ASN A 85 -11.84 5.59 4.54
C ASN A 85 -10.80 5.93 3.49
N LEU A 86 -10.53 4.95 2.63
CA LEU A 86 -9.63 5.15 1.49
C LEU A 86 -10.25 6.14 0.50
N PRO A 87 -9.50 7.17 0.08
CA PRO A 87 -10.03 8.12 -0.92
C PRO A 87 -10.51 7.43 -2.18
N TYR A 88 -11.59 7.99 -2.74
CA TYR A 88 -12.20 7.47 -3.97
C TYR A 88 -11.22 7.47 -5.14
N SER A 89 -10.49 8.58 -5.33
CA SER A 89 -9.63 8.72 -6.50
C SER A 89 -8.25 9.25 -6.12
N VAL A 90 -7.28 8.96 -6.98
CA VAL A 90 -5.92 9.50 -6.89
C VAL A 90 -5.56 9.97 -8.29
N SER A 91 -5.62 11.28 -8.52
CA SER A 91 -5.22 11.82 -9.81
C SER A 91 -3.71 11.65 -10.05
N ASP A 92 -3.32 11.64 -11.32
CA ASP A 92 -1.90 11.69 -11.65
C ASP A 92 -1.26 12.92 -10.99
N GLY A 93 -0.11 12.71 -10.34
CA GLY A 93 0.56 13.78 -9.61
C GLY A 93 0.30 13.79 -8.12
N TYR A 94 -0.46 12.83 -7.61
CA TYR A 94 -0.88 12.80 -6.22
C TYR A 94 -0.57 11.45 -5.58
N ALA A 95 -0.40 11.48 -4.26
CA ALA A 95 -0.21 10.28 -3.46
C ALA A 95 -1.37 10.11 -2.47
N VAL A 96 -1.72 8.85 -2.20
CA VAL A 96 -2.77 8.52 -1.23
C VAL A 96 -2.12 8.01 0.06
N LEU A 97 -2.65 8.47 1.19
CA LEU A 97 -2.22 8.07 2.52
C LEU A 97 -3.30 7.24 3.16
N TYR A 98 -2.91 6.10 3.75
CA TYR A 98 -3.87 5.16 4.32
C TYR A 98 -3.25 4.53 5.56
N GLY A 99 -4.09 4.24 6.56
CA GLY A 99 -3.59 3.82 7.86
C GLY A 99 -4.19 2.56 8.46
N PRO A 100 -3.93 1.42 7.84
CA PRO A 100 -4.40 0.14 8.42
C PRO A 100 -3.80 -0.11 9.80
N ARG A 101 -4.63 -0.66 10.66
CA ARG A 101 -4.18 -0.98 12.01
CA ARG A 101 -4.19 -0.98 12.05
C ARG A 101 -4.95 -2.24 12.57
N LYS A 102 -4.34 -2.87 13.56
CA LYS A 102 -5.00 -4.03 14.15
C LYS A 102 -6.19 -3.58 14.99
N THR A 103 -7.12 -4.50 15.21
CA THR A 103 -8.10 -4.36 16.29
C THR A 103 -7.39 -4.05 17.61
N ASN A 104 -7.96 -3.15 18.41
CA ASN A 104 -7.35 -2.79 19.69
C ASN A 104 -7.43 -3.94 20.68
N GLY A 105 -6.49 -3.96 21.62
CA GLY A 105 -6.58 -4.89 22.73
C GLY A 105 -5.59 -6.03 22.66
N PRO A 106 -5.58 -6.85 23.71
CA PRO A 106 -4.73 -8.05 23.75
C PRO A 106 -5.34 -9.21 22.96
N VAL A 107 -5.48 -9.03 21.65
CA VAL A 107 -6.24 -9.94 20.80
C VAL A 107 -5.35 -10.81 19.92
N ALA A 108 -4.03 -10.64 19.98
CA ALA A 108 -3.07 -11.50 19.27
C ALA A 108 -3.35 -11.51 17.77
N THR A 109 -3.56 -10.33 17.21
CA THR A 109 -3.85 -10.15 15.79
C THR A 109 -3.00 -9.02 15.23
N GLY A 110 -2.73 -9.09 13.93
CA GLY A 110 -2.05 -8.02 13.24
C GLY A 110 -2.96 -7.30 12.27
N VAL A 111 -2.42 -6.82 11.15
CA VAL A 111 -3.24 -6.16 10.14
C VAL A 111 -2.70 -6.53 8.76
N VAL A 112 -3.60 -7.03 7.91
CA VAL A 112 -3.25 -7.71 6.67
C VAL A 112 -4.34 -7.36 5.67
N GLY A 113 -3.99 -6.78 4.53
CA GLY A 113 -5.04 -6.36 3.62
C GLY A 113 -4.52 -5.90 2.28
N VAL A 114 -5.48 -5.41 1.47
CA VAL A 114 -5.24 -4.98 0.09
C VAL A 114 -6.03 -3.70 -0.15
N LEU A 115 -5.41 -2.74 -0.84
CA LEU A 115 -6.17 -1.65 -1.43
C LEU A 115 -6.08 -1.75 -2.93
N ALA A 116 -7.10 -1.26 -3.62
CA ALA A 116 -7.12 -1.35 -5.07
C ALA A 116 -7.77 -0.12 -5.69
N TYR A 117 -7.28 0.25 -6.88
CA TYR A 117 -7.86 1.33 -7.68
C TYR A 117 -8.06 0.87 -9.11
N TYR A 118 -9.19 1.27 -9.72
CA TYR A 118 -9.38 1.08 -11.15
C TYR A 118 -8.65 2.18 -11.92
N ILE A 119 -7.92 1.80 -12.97
CA ILE A 119 -7.23 2.73 -13.87
C ILE A 119 -7.89 2.64 -15.23
N PRO A 120 -8.95 3.39 -15.47
CA PRO A 120 -9.76 3.17 -16.69
C PRO A 120 -8.99 3.34 -17.99
N SER A 121 -8.03 4.27 -18.06
CA SER A 121 -7.37 4.52 -19.33
C SER A 121 -6.53 3.36 -19.83
N ILE A 122 -6.13 2.43 -18.96
CA ILE A 122 -5.45 1.22 -19.41
C ILE A 122 -6.25 -0.03 -19.16
N GLY A 123 -7.49 0.09 -18.67
CA GLY A 123 -8.33 -1.07 -18.42
C GLY A 123 -7.79 -2.04 -17.38
N LYS A 124 -7.14 -1.54 -16.33
CA LYS A 124 -6.48 -2.37 -15.34
C LYS A 124 -6.83 -1.89 -13.94
N THR A 125 -6.67 -2.80 -12.98
CA THR A 125 -6.77 -2.52 -11.55
C THR A 125 -5.39 -2.63 -10.91
N LEU A 126 -4.95 -1.59 -10.20
CA LEU A 126 -3.76 -1.67 -9.36
C LEU A 126 -4.15 -2.16 -7.97
N ALA A 127 -3.49 -3.22 -7.46
CA ALA A 127 -3.72 -3.70 -6.11
C ALA A 127 -2.41 -3.66 -5.33
N VAL A 128 -2.49 -3.26 -4.05
CA VAL A 128 -1.33 -3.15 -3.17
C VAL A 128 -1.65 -3.94 -1.90
N MET A 129 -0.73 -4.82 -1.47
CA MET A 129 -0.93 -5.65 -0.30
C MET A 129 0.08 -5.30 0.79
N TRP A 130 -0.38 -5.30 2.04
CA TRP A 130 0.48 -5.21 3.22
C TRP A 130 0.16 -6.37 4.16
N SER A 131 1.17 -6.83 4.88
CA SER A 131 0.98 -7.82 5.93
C SER A 131 1.89 -7.48 7.10
N VAL A 132 1.30 -7.11 8.22
CA VAL A 132 2.00 -6.84 9.48
C VAL A 132 1.50 -7.84 10.52
N PRO A 133 2.25 -8.91 10.77
CA PRO A 133 1.71 -10.01 11.57
C PRO A 133 1.77 -9.73 13.06
N PHE A 134 0.92 -10.43 13.81
CA PHE A 134 1.05 -10.38 15.27
C PHE A 134 2.34 -11.04 15.74
N ASP A 135 2.61 -12.27 15.28
CA ASP A 135 3.63 -13.12 15.92
C ASP A 135 4.92 -13.10 15.11
N TYR A 136 5.82 -12.19 15.46
CA TYR A 136 7.14 -12.17 14.83
C TYR A 136 8.01 -13.35 15.21
N ASN A 137 7.62 -14.14 16.22
CA ASN A 137 8.38 -15.37 16.49
C ASN A 137 8.30 -16.34 15.32
N PHE A 138 7.29 -16.20 14.46
CA PHE A 138 7.14 -17.06 13.29
C PHE A 138 7.05 -16.32 11.97
N TYR A 139 6.63 -15.05 11.95
CA TYR A 139 6.31 -14.36 10.69
C TYR A 139 7.06 -13.02 10.62
N GLN A 140 6.91 -12.36 9.46
CA GLN A 140 7.56 -11.07 9.24
C GLN A 140 6.68 -10.22 8.33
N ASN A 141 7.08 -8.95 8.16
CA ASN A 141 6.34 -8.03 7.30
C ASN A 141 6.54 -8.39 5.84
N TRP A 142 5.48 -8.23 5.04
CA TRP A 142 5.54 -8.41 3.59
C TRP A 142 4.69 -7.36 2.89
N TRP A 143 5.04 -7.06 1.63
CA TRP A 143 4.20 -6.21 0.80
C TRP A 143 4.33 -6.62 -0.67
N ASN A 144 3.39 -6.16 -1.50
CA ASN A 144 3.44 -6.45 -2.93
C ASN A 144 2.51 -5.49 -3.67
N ALA A 145 2.66 -5.46 -5.00
CA ALA A 145 1.77 -4.68 -5.86
C ALA A 145 1.70 -5.34 -7.23
N LYS A 146 0.56 -5.19 -7.90
CA LYS A 146 0.34 -5.89 -9.17
C LYS A 146 -0.83 -5.24 -9.91
N LEU A 147 -0.85 -5.39 -11.24
CA LEU A 147 -2.00 -5.02 -12.05
C LEU A 147 -2.83 -6.26 -12.38
N TYR A 148 -4.14 -6.11 -12.37
CA TYR A 148 -5.09 -7.12 -12.83
C TYR A 148 -5.98 -6.48 -13.90
N SER A 149 -6.64 -7.30 -14.72
CA SER A 149 -7.41 -6.75 -15.83
C SER A 149 -8.83 -6.38 -15.41
N GLY A 150 -9.32 -5.27 -15.97
CA GLY A 150 -10.67 -4.83 -15.66
C GLY A 150 -10.71 -4.00 -14.39
N ASN A 151 -11.89 -3.95 -13.79
CA ASN A 151 -12.17 -3.19 -12.57
C ASN A 151 -12.52 -4.21 -11.50
N GLN A 152 -11.52 -4.64 -10.74
CA GLN A 152 -11.68 -5.68 -9.73
C GLN A 152 -11.68 -5.07 -8.34
N ASP A 153 -12.77 -5.25 -7.62
CA ASP A 153 -12.87 -4.81 -6.23
C ASP A 153 -11.86 -5.58 -5.37
N ALA A 154 -11.16 -4.87 -4.48
CA ALA A 154 -10.15 -5.53 -3.64
C ALA A 154 -10.76 -6.72 -2.89
N ASP A 155 -10.12 -7.90 -2.98
CA ASP A 155 -10.71 -9.04 -2.30
C ASP A 155 -9.64 -10.06 -1.87
N TYR A 156 -10.14 -11.13 -1.23
CA TYR A 156 -9.31 -12.19 -0.69
C TYR A 156 -8.44 -12.84 -1.75
N ASP A 157 -8.96 -13.01 -2.98
CA ASP A 157 -8.14 -13.64 -4.01
C ASP A 157 -6.94 -12.78 -4.36
N HIS A 158 -7.08 -11.45 -4.29
CA HIS A 158 -5.90 -10.59 -4.47
C HIS A 158 -4.90 -10.79 -3.35
N TYR A 159 -5.39 -10.83 -2.11
CA TYR A 159 -4.50 -11.07 -0.97
C TYR A 159 -3.71 -12.37 -1.15
N VAL A 160 -4.40 -13.46 -1.50
CA VAL A 160 -3.72 -14.74 -1.62
C VAL A 160 -2.69 -14.71 -2.74
N ASP A 161 -3.08 -14.16 -3.90
CA ASP A 161 -2.12 -14.05 -5.00
C ASP A 161 -0.90 -13.23 -4.58
N LEU A 162 -1.13 -12.05 -4.00
CA LEU A 162 -0.03 -11.14 -3.71
C LEU A 162 0.87 -11.65 -2.59
N TYR A 163 0.29 -12.36 -1.60
CA TYR A 163 1.08 -12.83 -0.46
C TYR A 163 1.71 -14.19 -0.68
N TYR A 164 1.01 -15.13 -1.32
CA TYR A 164 1.49 -16.50 -1.44
C TYR A 164 2.06 -16.85 -2.81
N ASP A 165 1.58 -16.22 -3.89
CA ASP A 165 1.90 -16.71 -5.24
C ASP A 165 2.73 -15.77 -6.09
N ALA A 166 2.73 -14.46 -5.81
CA ALA A 166 3.29 -13.48 -6.72
C ALA A 166 4.58 -12.82 -6.19
N ASN A 167 5.32 -13.53 -5.33
N ASN A 167 5.32 -13.53 -5.33
CA ASN A 167 6.66 -13.15 -4.91
CA ASN A 167 6.66 -13.15 -4.91
C ASN A 167 6.69 -11.80 -4.19
C ASN A 167 6.68 -11.79 -4.19
N PRO A 168 6.05 -11.68 -3.01
CA PRO A 168 6.08 -10.42 -2.28
C PRO A 168 7.47 -10.10 -1.76
N PHE A 169 7.62 -8.84 -1.32
CA PHE A 169 8.89 -8.30 -0.84
C PHE A 169 8.91 -8.27 0.68
N LYS A 170 10.09 -8.58 1.26
CA LYS A 170 10.39 -8.43 2.66
C LYS A 170 10.70 -6.97 2.98
N ALA A 171 10.83 -6.68 4.27
CA ALA A 171 11.20 -5.32 4.72
C ALA A 171 12.70 -5.07 4.70
N ASN A 172 13.38 -5.43 3.61
CA ASN A 172 14.84 -5.39 3.54
C ASN A 172 15.37 -4.40 2.50
N GLY A 173 14.74 -3.23 2.40
CA GLY A 173 15.23 -2.19 1.51
C GLY A 173 14.27 -1.91 0.37
N TRP A 174 14.78 -1.20 -0.64
CA TRP A 174 13.96 -0.81 -1.77
C TRP A 174 13.96 -1.90 -2.84
N HIS A 175 12.82 -2.00 -3.52
CA HIS A 175 12.63 -2.99 -4.56
C HIS A 175 11.85 -2.38 -5.74
N GLU A 176 12.07 -2.91 -6.95
CA GLU A 176 11.38 -2.41 -8.14
C GLU A 176 10.92 -3.57 -9.00
N ARG A 177 9.74 -3.44 -9.60
CA ARG A 177 9.25 -4.49 -10.50
C ARG A 177 8.34 -3.88 -11.55
N SER A 178 8.43 -4.43 -12.76
CA SER A 178 7.55 -4.01 -13.84
CA SER A 178 7.55 -4.01 -13.84
C SER A 178 6.12 -4.49 -13.60
N LEU A 179 5.16 -3.66 -14.01
CA LEU A 179 3.75 -3.98 -13.88
C LEU A 179 3.09 -4.38 -15.20
N GLY A 180 3.78 -4.22 -16.33
CA GLY A 180 3.10 -4.23 -17.61
C GLY A 180 2.35 -2.93 -17.85
N SER A 181 1.74 -2.84 -19.03
CA SER A 181 0.97 -1.66 -19.43
C SER A 181 1.80 -0.38 -19.38
N GLY A 182 3.11 -0.50 -19.59
CA GLY A 182 3.98 0.65 -19.58
C GLY A 182 4.34 1.19 -18.21
N LEU A 183 4.00 0.47 -17.14
CA LEU A 183 4.16 0.96 -15.78
C LEU A 183 5.07 0.05 -14.96
N LYS A 184 5.59 0.59 -13.86
CA LYS A 184 6.37 -0.20 -12.92
C LYS A 184 6.17 0.43 -11.55
N PHE A 185 6.65 -0.25 -10.51
CA PHE A 185 6.60 0.35 -9.19
C PHE A 185 7.91 0.11 -8.48
N CYS A 186 8.20 0.99 -7.51
N CYS A 186 8.09 0.86 -7.40
CA CYS A 186 9.27 0.77 -6.55
CA CYS A 186 9.26 0.78 -6.55
C CYS A 186 8.71 1.03 -5.16
C CYS A 186 8.85 1.21 -5.15
N GLY A 187 9.39 0.52 -4.15
CA GLY A 187 8.94 0.80 -2.80
C GLY A 187 9.79 0.16 -1.73
N SER A 188 9.44 0.47 -0.49
CA SER A 188 10.16 -0.03 0.68
C SER A 188 9.21 -0.06 1.88
N MET A 189 9.28 -1.15 2.63
CA MET A 189 8.56 -1.34 3.88
C MET A 189 9.52 -1.47 5.05
N SER A 190 9.20 -0.82 6.16
CA SER A 190 10.01 -0.97 7.36
C SER A 190 9.62 -2.27 8.08
N SER A 191 10.46 -2.70 9.03
CA SER A 191 10.42 -4.10 9.45
C SER A 191 9.63 -4.38 10.73
N SER A 192 9.26 -3.37 11.51
CA SER A 192 8.67 -3.60 12.82
C SER A 192 7.14 -3.59 12.76
N GLY A 193 6.52 -3.76 13.94
CA GLY A 193 5.08 -3.80 14.06
C GLY A 193 4.39 -2.48 13.82
N GLN A 194 5.11 -1.37 13.96
CA GLN A 194 4.61 -0.05 13.57
C GLN A 194 5.42 0.36 12.35
N ALA A 195 4.85 0.14 11.16
CA ALA A 195 5.62 0.13 9.93
C ALA A 195 5.21 1.25 9.01
N THR A 196 6.13 1.61 8.12
CA THR A 196 5.83 2.46 6.97
C THR A 196 5.93 1.64 5.70
N LEU A 197 5.06 1.95 4.73
CA LEU A 197 5.09 1.31 3.41
C LEU A 197 4.99 2.42 2.38
N GLU A 198 6.09 2.66 1.67
CA GLU A 198 6.21 3.73 0.69
C GLU A 198 6.31 3.11 -0.70
N ILE A 199 5.37 3.45 -1.59
CA ILE A 199 5.34 2.89 -2.94
C ILE A 199 5.14 4.00 -3.96
N HIS A 200 5.87 3.93 -5.08
CA HIS A 200 5.76 4.88 -6.18
C HIS A 200 5.47 4.10 -7.46
N VAL A 201 4.42 4.51 -8.18
CA VAL A 201 4.01 3.88 -9.43
C VAL A 201 4.34 4.84 -10.56
N LEU A 202 5.23 4.40 -11.46
N LEU A 202 5.22 4.41 -11.46
CA LEU A 202 5.74 5.26 -12.50
CA LEU A 202 5.72 5.29 -12.50
C LEU A 202 5.74 4.65 -13.87
C LEU A 202 5.76 4.65 -13.87
N LYS A 203 5.99 5.48 -14.88
CA LYS A 203 6.16 4.96 -16.22
C LYS A 203 7.49 4.22 -16.33
N GLU A 204 7.52 3.18 -17.18
CA GLU A 204 8.72 2.35 -17.31
C GLU A 204 9.95 3.16 -17.69
N SER A 205 9.77 4.25 -18.43
CA SER A 205 10.88 5.06 -18.91
C SER A 205 11.51 5.92 -17.82
N GLU A 206 10.87 6.09 -16.67
CA GLU A 206 11.38 6.95 -15.62
C GLU A 206 12.16 6.15 -14.59
N THR A 207 12.96 6.86 -13.82
CA THR A 207 13.89 6.24 -12.88
C THR A 207 13.38 6.35 -11.46
N CYS A 208 13.33 5.24 -10.75
N CYS A 208 13.30 5.22 -10.77
CA CYS A 208 13.03 5.38 -9.34
CA CYS A 208 13.11 5.22 -9.32
C CYS A 208 13.90 4.52 -8.44
C CYS A 208 14.31 4.68 -8.56
N MET A 209 14.82 3.73 -8.99
N MET A 209 14.99 3.65 -9.07
CA MET A 209 15.91 3.12 -8.23
CA MET A 209 16.06 3.03 -8.29
C MET A 209 17.24 3.79 -8.56
C MET A 209 17.40 3.73 -8.49
#